data_6DF4
#
_entry.id   6DF4
#
_cell.length_a   47.808
_cell.length_b   59.654
_cell.length_c   60.579
_cell.angle_alpha   90.000
_cell.angle_beta   90.000
_cell.angle_gamma   90.000
#
_symmetry.space_group_name_H-M   'P 21 21 21'
#
loop_
_entity.id
_entity.type
_entity.pdbx_description
1 polymer 'Transcription initiation factor TFIID subunit'
2 non-polymer 6-(but-3-en-1-yl)-4-[3-(morpholine-4-carbonyl)phenyl]-1,6-dihydro-7H-pyrrolo[2,3-c]pyridin-7-one
3 water water
#
_entity_poly.entity_id   1
_entity_poly.type   'polypeptide(L)'
_entity_poly.pdbx_seq_one_letter_code
;MHHHHHHASDYKDDDDKGSLVPRGSPLLDDDDQVAFSFILDNIVTQKMMAVPDSWPFHHPVNKKFVPDYYKVIVNPMDLE
TIRKNISKHKYQSRESFLDDVNLILANSVKYNGPESQYTKTAQEIVNVCYQTLTEYDEHLTQLEKDICTAKEAALEEAEL
ESLDPMT
;
_entity_poly.pdbx_strand_id   A
#
# COMPACT_ATOMS: atom_id res chain seq x y z
N ASP A 30 1.41 -19.18 14.88
CA ASP A 30 0.66 -18.36 13.93
C ASP A 30 1.45 -17.12 13.47
N ASP A 31 2.06 -17.20 12.29
CA ASP A 31 2.84 -16.10 11.72
C ASP A 31 2.11 -15.49 10.55
N ASP A 32 0.78 -15.62 10.49
CA ASP A 32 0.02 -15.15 9.34
C ASP A 32 0.20 -13.68 9.02
N GLN A 33 0.19 -12.80 10.02
CA GLN A 33 0.37 -11.36 9.75
C GLN A 33 1.78 -11.06 9.25
N VAL A 34 2.80 -11.70 9.83
CA VAL A 34 4.18 -11.49 9.39
C VAL A 34 4.33 -12.02 7.95
N ALA A 35 3.74 -13.17 7.63
CA ALA A 35 3.83 -13.72 6.27
C ALA A 35 3.12 -12.81 5.26
N PHE A 36 1.96 -12.27 5.64
CA PHE A 36 1.18 -11.37 4.79
C PHE A 36 1.96 -10.10 4.51
N SER A 37 2.50 -9.51 5.56
CA SER A 37 3.32 -8.30 5.43
C SER A 37 4.59 -8.55 4.64
N PHE A 38 5.21 -9.73 4.76
CA PHE A 38 6.41 -10.04 3.99
C PHE A 38 6.09 -9.99 2.49
N ILE A 39 4.96 -10.57 2.07
CA ILE A 39 4.59 -10.57 0.65
C ILE A 39 4.39 -9.11 0.18
N LEU A 40 3.65 -8.31 0.93
CA LEU A 40 3.41 -6.93 0.49
C LEU A 40 4.69 -6.12 0.45
N ASP A 41 5.55 -6.26 1.46
CA ASP A 41 6.79 -5.49 1.48
C ASP A 41 7.68 -5.82 0.29
N ASN A 42 7.77 -7.10 -0.08
CA ASN A 42 8.60 -7.48 -1.21
C ASN A 42 8.00 -6.99 -2.53
N ILE A 43 6.65 -6.91 -2.65
CA ILE A 43 6.10 -6.30 -3.86
C ILE A 43 6.51 -4.83 -3.93
N VAL A 44 6.47 -4.12 -2.80
CA VAL A 44 6.87 -2.71 -2.83
C VAL A 44 8.34 -2.55 -3.19
N THR A 45 9.25 -3.28 -2.53
CA THR A 45 10.69 -3.05 -2.76
C THR A 45 11.22 -3.65 -4.03
N GLN A 46 10.78 -4.84 -4.40
CA GLN A 46 11.35 -5.55 -5.54
C GLN A 46 10.68 -5.21 -6.85
N LYS A 47 9.42 -4.81 -6.81
CA LYS A 47 8.68 -4.55 -8.04
C LYS A 47 8.28 -3.12 -8.20
N MET A 48 7.56 -2.54 -7.23
CA MET A 48 7.07 -1.17 -7.40
C MET A 48 8.19 -0.13 -7.40
N MET A 49 9.15 -0.28 -6.47
CA MET A 49 10.27 0.67 -6.41
C MET A 49 11.25 0.50 -7.56
N ALA A 50 11.21 -0.66 -8.24
CA ALA A 50 12.08 -0.98 -9.37
C ALA A 50 11.50 -0.47 -10.70
N VAL A 51 10.26 0.07 -10.70
CA VAL A 51 9.72 0.65 -11.95
C VAL A 51 10.71 1.76 -12.37
N PRO A 52 11.13 1.80 -13.63
CA PRO A 52 12.07 2.85 -14.03
C PRO A 52 11.55 4.25 -13.76
N ASP A 53 12.41 5.10 -13.22
CA ASP A 53 12.11 6.52 -13.00
C ASP A 53 10.99 6.72 -11.99
N SER A 54 10.80 5.75 -11.08
CA SER A 54 9.77 5.86 -10.04
C SER A 54 10.21 6.65 -8.83
N TRP A 55 11.45 7.18 -8.81
CA TRP A 55 11.97 8.00 -7.68
C TRP A 55 11.00 9.08 -7.18
N PRO A 56 10.13 9.74 -7.97
CA PRO A 56 9.27 10.78 -7.37
C PRO A 56 8.36 10.23 -6.29
N PHE A 57 8.07 8.92 -6.33
CA PHE A 57 7.07 8.28 -5.45
C PHE A 57 7.73 7.52 -4.31
N HIS A 58 9.06 7.52 -4.22
CA HIS A 58 9.74 6.71 -3.20
C HIS A 58 9.65 7.26 -1.80
N HIS A 59 9.40 8.55 -1.61
CA HIS A 59 9.45 9.23 -0.31
C HIS A 59 8.39 10.31 -0.31
N PRO A 60 7.97 10.79 0.88
CA PRO A 60 7.03 11.92 0.90
C PRO A 60 7.63 13.17 0.27
N VAL A 61 6.77 13.96 -0.36
CA VAL A 61 7.20 15.22 -0.98
C VAL A 61 7.69 16.19 0.08
N ASN A 62 8.81 16.84 -0.18
CA ASN A 62 9.32 17.89 0.67
C ASN A 62 8.83 19.21 0.10
N LYS A 63 8.08 20.01 0.88
CA LYS A 63 7.60 21.30 0.38
C LYS A 63 8.72 22.25 0.00
N LYS A 64 9.95 22.04 0.50
CA LYS A 64 11.09 22.88 0.09
C LYS A 64 11.48 22.59 -1.36
N PHE A 65 11.05 21.44 -1.92
CA PHE A 65 11.35 21.03 -3.30
C PHE A 65 10.18 21.16 -4.24
N VAL A 66 8.93 21.08 -3.71
CA VAL A 66 7.70 21.17 -4.53
C VAL A 66 6.76 22.09 -3.72
N PRO A 67 6.95 23.42 -3.86
CA PRO A 67 6.25 24.37 -2.97
C PRO A 67 4.75 24.27 -2.86
N ASP A 68 4.08 23.96 -3.96
CA ASP A 68 2.61 23.96 -3.97
C ASP A 68 1.98 22.62 -3.70
N TYR A 69 2.79 21.57 -3.46
CA TYR A 69 2.24 20.23 -3.40
C TYR A 69 1.08 20.05 -2.42
N TYR A 70 1.30 20.46 -1.16
CA TYR A 70 0.33 20.24 -0.10
C TYR A 70 -0.80 21.26 -0.12
N LYS A 71 -0.71 22.28 -0.98
CA LYS A 71 -1.81 23.20 -1.21
C LYS A 71 -2.88 22.49 -2.07
N VAL A 72 -2.49 21.45 -2.83
CA VAL A 72 -3.37 20.74 -3.75
C VAL A 72 -3.71 19.35 -3.21
N ILE A 73 -2.72 18.62 -2.69
CA ILE A 73 -2.89 17.25 -2.23
C ILE A 73 -3.18 17.19 -0.75
N VAL A 74 -4.42 16.85 -0.40
CA VAL A 74 -4.81 16.84 1.01
C VAL A 74 -4.60 15.50 1.69
N ASN A 75 -4.49 14.38 0.93
N ASN A 75 -4.48 14.42 0.91
CA ASN A 75 -4.25 13.05 1.50
CA ASN A 75 -4.32 13.07 1.41
C ASN A 75 -3.02 12.45 0.83
C ASN A 75 -3.03 12.47 0.80
N PRO A 76 -1.83 12.93 1.21
CA PRO A 76 -0.58 12.46 0.56
C PRO A 76 -0.26 11.00 0.80
N MET A 77 0.49 10.41 -0.11
CA MET A 77 0.93 9.04 0.04
C MET A 77 2.20 8.79 -0.75
N ASP A 78 3.04 7.84 -0.32
CA ASP A 78 4.27 7.52 -1.04
C ASP A 78 4.66 6.09 -0.66
N LEU A 79 5.64 5.53 -1.35
CA LEU A 79 6.03 4.15 -1.10
C LEU A 79 6.75 3.93 0.23
N GLU A 80 7.52 4.91 0.72
CA GLU A 80 8.14 4.78 2.04
C GLU A 80 7.06 4.71 3.12
N THR A 81 6.05 5.57 3.02
CA THR A 81 4.95 5.54 3.99
C THR A 81 4.23 4.18 3.93
N ILE A 82 3.97 3.66 2.72
CA ILE A 82 3.34 2.33 2.62
C ILE A 82 4.23 1.27 3.30
N ARG A 83 5.54 1.32 3.11
CA ARG A 83 6.41 0.35 3.81
C ARG A 83 6.35 0.51 5.32
N LYS A 84 6.26 1.74 5.85
CA LYS A 84 6.16 1.94 7.30
C LYS A 84 4.84 1.34 7.75
N ASN A 85 3.76 1.57 6.99
CA ASN A 85 2.46 0.98 7.30
C ASN A 85 2.52 -0.55 7.33
N ILE A 86 3.19 -1.19 6.35
CA ILE A 86 3.34 -2.65 6.34
C ILE A 86 4.11 -3.13 7.57
N SER A 87 5.15 -2.40 7.97
CA SER A 87 5.99 -2.79 9.11
C SER A 87 5.18 -2.74 10.41
N LYS A 88 4.16 -1.90 10.48
CA LYS A 88 3.25 -1.75 11.63
C LYS A 88 2.02 -2.66 11.48
N HIS A 89 2.02 -3.53 10.45
CA HIS A 89 0.93 -4.46 10.18
C HIS A 89 -0.42 -3.70 10.01
N LYS A 90 -0.40 -2.52 9.34
CA LYS A 90 -1.61 -1.75 9.11
C LYS A 90 -2.61 -2.54 8.25
N TYR A 91 -2.10 -3.24 7.24
CA TYR A 91 -2.94 -3.91 6.26
C TYR A 91 -3.20 -5.34 6.60
N GLN A 92 -4.50 -5.69 6.69
CA GLN A 92 -4.89 -7.09 6.90
C GLN A 92 -5.56 -7.64 5.66
N SER A 93 -5.62 -6.84 4.58
CA SER A 93 -6.24 -7.28 3.34
C SER A 93 -5.52 -6.64 2.18
N ARG A 94 -5.62 -7.28 1.00
CA ARG A 94 -5.14 -6.69 -0.24
C ARG A 94 -5.92 -5.41 -0.54
N GLU A 95 -7.24 -5.39 -0.27
CA GLU A 95 -8.02 -4.18 -0.57
C GLU A 95 -7.49 -2.97 0.18
N SER A 96 -7.15 -3.12 1.49
N SER A 96 -7.15 -3.14 1.48
CA SER A 96 -6.67 -1.97 2.27
CA SER A 96 -6.65 -2.02 2.29
C SER A 96 -5.30 -1.49 1.77
C SER A 96 -5.29 -1.51 1.80
N PHE A 97 -4.41 -2.43 1.39
CA PHE A 97 -3.11 -2.07 0.84
C PHE A 97 -3.30 -1.32 -0.48
N LEU A 98 -4.20 -1.85 -1.34
CA LEU A 98 -4.48 -1.27 -2.64
C LEU A 98 -5.18 0.08 -2.54
N ASP A 99 -5.85 0.36 -1.42
CA ASP A 99 -6.41 1.71 -1.24
C ASP A 99 -5.26 2.74 -1.22
N ASP A 100 -4.16 2.44 -0.49
CA ASP A 100 -3.02 3.38 -0.40
C ASP A 100 -2.25 3.43 -1.71
N VAL A 101 -2.14 2.28 -2.40
CA VAL A 101 -1.46 2.26 -3.69
C VAL A 101 -2.25 3.15 -4.69
N ASN A 102 -3.58 3.02 -4.69
CA ASN A 102 -4.41 3.83 -5.57
C ASN A 102 -4.38 5.32 -5.24
N LEU A 103 -4.20 5.67 -3.96
CA LEU A 103 -4.13 7.05 -3.56
C LEU A 103 -2.93 7.69 -4.24
N ILE A 104 -1.81 6.95 -4.44
CA ILE A 104 -0.66 7.53 -5.15
C ILE A 104 -1.08 7.91 -6.58
N LEU A 105 -1.75 7.01 -7.30
CA LEU A 105 -2.16 7.27 -8.67
C LEU A 105 -3.14 8.46 -8.69
N ALA A 106 -4.14 8.45 -7.80
CA ALA A 106 -5.15 9.51 -7.80
C ALA A 106 -4.52 10.86 -7.49
N ASN A 107 -3.54 10.89 -6.57
CA ASN A 107 -2.86 12.14 -6.28
C ASN A 107 -2.07 12.66 -7.48
N SER A 108 -1.42 11.75 -8.23
CA SER A 108 -0.70 12.23 -9.41
C SER A 108 -1.69 12.76 -10.47
N VAL A 109 -2.84 12.11 -10.67
CA VAL A 109 -3.82 12.63 -11.62
C VAL A 109 -4.23 14.05 -11.21
N LYS A 110 -4.48 14.29 -9.91
CA LYS A 110 -4.87 15.60 -9.43
C LYS A 110 -3.76 16.64 -9.56
N TYR A 111 -2.56 16.30 -9.14
CA TYR A 111 -1.49 17.29 -9.14
C TYR A 111 -0.85 17.55 -10.48
N ASN A 112 -0.65 16.48 -11.24
CA ASN A 112 0.09 16.54 -12.51
C ASN A 112 -0.79 16.48 -13.77
N GLY A 113 -2.00 15.95 -13.62
CA GLY A 113 -2.89 15.75 -14.77
C GLY A 113 -2.82 14.31 -15.23
N PRO A 114 -3.90 13.82 -15.87
CA PRO A 114 -3.97 12.41 -16.28
C PRO A 114 -2.96 11.99 -17.34
N GLU A 115 -2.41 12.95 -18.10
CA GLU A 115 -1.48 12.67 -19.19
C GLU A 115 -0.02 12.93 -18.84
N SER A 116 0.27 13.45 -17.64
CA SER A 116 1.65 13.74 -17.28
C SER A 116 2.53 12.48 -17.22
N GLN A 117 3.84 12.65 -17.51
CA GLN A 117 4.77 11.53 -17.37
C GLN A 117 4.79 11.02 -15.90
N TYR A 118 4.57 11.91 -14.90
CA TYR A 118 4.51 11.45 -13.49
C TYR A 118 3.34 10.46 -13.34
N THR A 119 2.19 10.76 -13.98
CA THR A 119 1.02 9.89 -13.89
C THR A 119 1.24 8.58 -14.64
N LYS A 120 1.92 8.65 -15.82
CA LYS A 120 2.24 7.41 -16.53
C LYS A 120 3.12 6.51 -15.69
N THR A 121 4.06 7.09 -14.93
CA THR A 121 4.92 6.33 -14.04
C THR A 121 4.11 5.76 -12.86
N ALA A 122 3.23 6.57 -12.26
CA ALA A 122 2.37 6.08 -11.17
C ALA A 122 1.49 4.93 -11.69
N GLN A 123 0.97 5.01 -12.92
CA GLN A 123 0.14 3.93 -13.47
C GLN A 123 0.95 2.64 -13.59
N GLU A 124 2.22 2.75 -13.99
CA GLU A 124 3.09 1.57 -14.08
C GLU A 124 3.32 0.96 -12.69
N ILE A 125 3.47 1.79 -11.65
CA ILE A 125 3.62 1.29 -10.27
C ILE A 125 2.37 0.51 -9.85
N VAL A 126 1.18 1.08 -10.12
CA VAL A 126 -0.07 0.41 -9.74
C VAL A 126 -0.21 -0.91 -10.51
N ASN A 127 0.09 -0.89 -11.81
CA ASN A 127 -0.11 -2.11 -12.61
C ASN A 127 0.85 -3.21 -12.23
N VAL A 128 2.11 -2.87 -11.89
CA VAL A 128 3.03 -3.92 -11.48
CA VAL A 128 3.06 -3.90 -11.46
C VAL A 128 2.59 -4.47 -10.13
N CYS A 129 1.99 -3.60 -9.29
CA CYS A 129 1.47 -4.05 -7.99
C CYS A 129 0.37 -5.09 -8.23
N TYR A 130 -0.64 -4.76 -9.06
CA TYR A 130 -1.71 -5.73 -9.34
C TYR A 130 -1.18 -7.03 -9.94
N GLN A 131 -0.23 -6.92 -10.88
CA GLN A 131 0.30 -8.11 -11.53
C GLN A 131 1.07 -9.00 -10.57
N THR A 132 1.88 -8.41 -9.70
CA THR A 132 2.66 -9.19 -8.76
C THR A 132 1.78 -9.84 -7.70
N LEU A 133 0.74 -9.12 -7.23
CA LEU A 133 -0.18 -9.70 -6.26
C LEU A 133 -0.83 -10.97 -6.80
N THR A 134 -1.15 -11.03 -8.10
CA THR A 134 -1.80 -12.22 -8.68
C THR A 134 -0.94 -13.47 -8.50
N GLU A 135 0.40 -13.31 -8.44
CA GLU A 135 1.32 -14.45 -8.23
C GLU A 135 1.10 -15.12 -6.89
N TYR A 136 0.43 -14.44 -5.94
CA TYR A 136 0.15 -14.92 -4.58
C TYR A 136 -1.33 -15.01 -4.30
N ASP A 137 -2.18 -15.07 -5.32
CA ASP A 137 -3.63 -15.04 -5.12
C ASP A 137 -4.16 -16.06 -4.11
N GLU A 138 -3.85 -17.34 -4.32
CA GLU A 138 -4.36 -18.38 -3.44
C GLU A 138 -3.86 -18.21 -2.00
N HIS A 139 -2.58 -17.92 -1.84
CA HIS A 139 -1.99 -17.77 -0.52
C HIS A 139 -2.53 -16.55 0.22
N LEU A 140 -2.62 -15.41 -0.47
CA LEU A 140 -3.17 -14.19 0.14
C LEU A 140 -4.65 -14.36 0.50
N THR A 141 -5.44 -15.05 -0.33
CA THR A 141 -6.84 -15.32 -0.01
C THR A 141 -6.95 -16.08 1.30
N GLN A 142 -6.12 -17.13 1.45
CA GLN A 142 -6.13 -17.93 2.68
C GLN A 142 -5.62 -17.15 3.89
N LEU A 143 -4.53 -16.37 3.73
CA LEU A 143 -4.00 -15.56 4.82
C LEU A 143 -5.02 -14.55 5.29
N GLU A 144 -5.75 -13.88 4.37
CA GLU A 144 -6.75 -12.89 4.79
C GLU A 144 -7.86 -13.55 5.62
N LYS A 145 -8.31 -14.74 5.17
CA LYS A 145 -9.34 -15.47 5.89
C LYS A 145 -8.87 -15.86 7.29
N ASP A 146 -7.65 -16.39 7.39
CA ASP A 146 -7.11 -16.86 8.67
C ASP A 146 -6.83 -15.74 9.64
N ILE A 147 -6.38 -14.58 9.15
CA ILE A 147 -6.12 -13.41 9.98
C ILE A 147 -7.46 -12.94 10.54
N CYS A 148 -8.47 -12.92 9.70
CA CYS A 148 -9.80 -12.51 10.15
C CYS A 148 -10.39 -13.45 11.22
N THR A 149 -10.28 -14.76 10.99
CA THR A 149 -10.75 -15.76 11.94
C THR A 149 -10.07 -15.56 13.30
N ALA A 150 -8.74 -15.36 13.32
CA ALA A 150 -8.01 -15.16 14.56
C ALA A 150 -8.39 -13.85 15.23
N LYS A 151 -8.61 -12.79 14.46
CA LYS A 151 -9.00 -11.49 15.02
C LYS A 151 -10.36 -11.62 15.72
N GLU A 152 -11.32 -12.29 15.07
CA GLU A 152 -12.64 -12.49 15.64
C GLU A 152 -12.58 -13.32 16.91
N ALA A 153 -11.77 -14.39 16.92
CA ALA A 153 -11.66 -15.24 18.11
C ALA A 153 -10.99 -14.48 19.26
N ALA A 154 -9.99 -13.63 18.96
CA ALA A 154 -9.31 -12.87 20.02
C ALA A 154 -10.26 -11.80 20.59
N LEU A 155 -11.09 -11.22 19.73
CA LEU A 155 -12.06 -10.21 20.16
C LEU A 155 -13.08 -10.84 21.13
N GLU A 156 -13.60 -12.01 20.77
CA GLU A 156 -14.57 -12.70 21.61
C GLU A 156 -13.93 -13.04 22.98
N GLU A 157 -12.68 -13.57 22.94
CA GLU A 157 -11.98 -13.88 24.19
C GLU A 157 -11.81 -12.64 25.09
N ALA A 158 -11.45 -11.50 24.49
CA ALA A 158 -11.27 -10.26 25.29
C ALA A 158 -12.60 -9.81 25.91
N GLU A 159 -13.69 -9.92 25.13
CA GLU A 159 -15.01 -9.53 25.62
C GLU A 159 -15.41 -10.43 26.81
N LEU A 160 -15.22 -11.75 26.67
CA LEU A 160 -15.55 -12.69 27.74
C LEU A 160 -14.68 -12.49 29.00
N GLU A 161 -13.38 -12.20 28.80
CA GLU A 161 -12.51 -11.94 29.95
C GLU A 161 -12.90 -10.67 30.72
N SER A 162 -13.43 -9.67 30.02
CA SER A 162 -13.81 -8.41 30.65
C SER A 162 -15.02 -8.56 31.52
N LEU A 163 -16.00 -9.40 31.11
CA LEU A 163 -17.26 -9.58 31.85
C LEU A 163 -17.04 -10.45 33.08
#